data_8BMV
#
_entry.id   8BMV
#
_cell.length_a   32.581
_cell.length_b   124.322
_cell.length_c   57.201
_cell.angle_alpha   90.00
_cell.angle_beta   99.33
_cell.angle_gamma   90.00
#
_symmetry.space_group_name_H-M   'P 1 21 1'
#
loop_
_entity.id
_entity.type
_entity.pdbx_description
1 polymer 'Methyl-accepting chemotaxis protein McpH'
2 non-polymer 'URIC ACID'
3 water water
#
_entity_poly.entity_id   1
_entity_poly.type   'polypeptide(L)'
_entity_poly.pdbx_seq_one_letter_code
;MGSSHHHHHHSSGLVPRGSHMLNRLTDRYLVDTALPASIEAIRNDIERMLGQPLVAAADIAGNTLLRDWLAAGEDPAQAP
QFIEYLTAAKQRNHAFTTLFASTETGHYYNENGLDRTLSRSNPKDKWFYGYIDSGAERFINIDIDGATGELALFIDYRVE
KEGKLVGVAGMGLRMTELSKLIHDFSFGEHGKVFLVRNDGLIQVHPDAAFSGKRQLAEQLGADAAKGVMTGGESLRSSRF
SRDGERYLALGLPLRDLNWTLVAEVPESEIYAQMHQ
;
_entity_poly.pdbx_strand_id   A,B
#
loop_
_chem_comp.id
_chem_comp.type
_chem_comp.name
_chem_comp.formula
URC non-polymer 'URIC ACID' 'C5 H4 N4 O3'
#
# COMPACT_ATOMS: atom_id res chain seq x y z
N ARG A 28 -14.48 -2.00 -25.04
CA ARG A 28 -14.66 -1.91 -26.48
C ARG A 28 -13.66 -0.93 -27.09
N TYR A 29 -12.68 -0.53 -26.29
CA TYR A 29 -11.61 0.35 -26.75
C TYR A 29 -10.49 -0.47 -27.37
N LEU A 30 -10.21 -0.19 -28.65
CA LEU A 30 -9.15 -0.82 -29.44
C LEU A 30 -9.44 -2.30 -29.71
N VAL A 31 -10.67 -2.75 -29.46
CA VAL A 31 -10.99 -4.18 -29.54
C VAL A 31 -10.66 -4.73 -30.93
N ASP A 32 -11.02 -4.00 -31.99
CA ASP A 32 -10.75 -4.42 -33.36
C ASP A 32 -9.45 -3.85 -33.89
N THR A 33 -8.51 -3.55 -33.01
CA THR A 33 -7.15 -3.15 -33.32
C THR A 33 -6.26 -4.35 -32.99
N ALA A 34 -5.04 -4.37 -33.52
CA ALA A 34 -4.12 -5.41 -33.08
C ALA A 34 -3.55 -5.17 -31.69
N LEU A 35 -3.80 -3.98 -31.10
CA LEU A 35 -3.12 -3.63 -29.86
C LEU A 35 -3.49 -4.52 -28.67
N PRO A 36 -4.76 -4.78 -28.36
CA PRO A 36 -5.06 -5.66 -27.22
C PRO A 36 -4.45 -7.04 -27.35
N ALA A 37 -4.49 -7.65 -28.54
CA ALA A 37 -3.88 -8.96 -28.71
C ALA A 37 -2.37 -8.89 -28.58
N SER A 38 -1.76 -7.82 -29.08
CA SER A 38 -0.32 -7.66 -28.96
C SER A 38 0.11 -7.60 -27.50
N ILE A 39 -0.64 -6.87 -26.68
CA ILE A 39 -0.33 -6.78 -25.26
C ILE A 39 -0.51 -8.14 -24.59
N GLU A 40 -1.59 -8.85 -24.93
CA GLU A 40 -1.82 -10.19 -24.38
C GLU A 40 -0.69 -11.15 -24.77
N ALA A 41 -0.22 -11.08 -26.02
CA ALA A 41 0.87 -11.95 -26.41
C ALA A 41 2.13 -11.66 -25.60
N ILE A 42 2.41 -10.39 -25.31
CA ILE A 42 3.52 -10.03 -24.43
C ILE A 42 3.27 -10.53 -23.02
N ARG A 43 2.07 -10.26 -22.49
CA ARG A 43 1.70 -10.78 -21.17
C ARG A 43 1.91 -12.28 -21.09
N ASN A 44 1.49 -13.02 -22.12
CA ASN A 44 1.59 -14.47 -22.03
C ASN A 44 3.04 -14.93 -22.07
N ASP A 45 3.87 -14.25 -22.88
CA ASP A 45 5.31 -14.59 -22.92
C ASP A 45 5.98 -14.29 -21.60
N ILE A 46 5.63 -13.15 -20.97
CA ILE A 46 6.20 -12.85 -19.67
C ILE A 46 5.79 -13.89 -18.65
N GLU A 47 4.51 -14.31 -18.66
CA GLU A 47 4.07 -15.32 -17.70
C GLU A 47 4.77 -16.65 -17.93
N ARG A 48 5.01 -17.03 -19.17
CA ARG A 48 5.79 -18.25 -19.41
C ARG A 48 7.16 -18.15 -18.78
N MET A 49 7.87 -17.03 -19.01
CA MET A 49 9.26 -16.92 -18.55
C MET A 49 9.33 -16.81 -17.05
N LEU A 50 8.40 -16.07 -16.44
CA LEU A 50 8.31 -16.06 -14.98
C LEU A 50 7.75 -17.38 -14.45
N GLY A 51 6.96 -18.08 -15.28
CA GLY A 51 6.39 -19.35 -14.85
C GLY A 51 7.44 -20.41 -14.55
N GLN A 52 8.58 -20.37 -15.25
CA GLN A 52 9.61 -21.39 -15.01
C GLN A 52 10.19 -21.28 -13.61
N PRO A 53 10.66 -20.12 -13.14
CA PRO A 53 11.13 -20.05 -11.75
C PRO A 53 10.03 -20.26 -10.73
N LEU A 54 8.82 -19.75 -10.98
CA LEU A 54 7.70 -20.10 -10.09
C LEU A 54 7.59 -21.60 -9.89
N VAL A 55 7.48 -22.33 -10.99
CA VAL A 55 7.30 -23.78 -10.92
C VAL A 55 8.52 -24.44 -10.29
N ALA A 56 9.73 -24.04 -10.73
CA ALA A 56 10.93 -24.72 -10.24
C ALA A 56 11.15 -24.46 -8.76
N ALA A 57 10.88 -23.23 -8.31
CA ALA A 57 11.06 -22.97 -6.88
C ALA A 57 10.08 -23.76 -6.05
N ALA A 58 8.83 -23.87 -6.53
CA ALA A 58 7.82 -24.69 -5.86
C ALA A 58 8.25 -26.14 -5.75
N ASP A 59 8.90 -26.67 -6.79
CA ASP A 59 9.43 -28.04 -6.75
C ASP A 59 10.49 -28.20 -5.66
N ILE A 60 11.36 -27.22 -5.47
CA ILE A 60 12.35 -27.33 -4.39
C ILE A 60 11.64 -27.33 -3.04
N ALA A 61 10.77 -26.36 -2.80
CA ALA A 61 10.09 -26.30 -1.52
C ALA A 61 9.22 -27.52 -1.29
N GLY A 62 8.58 -28.05 -2.35
CA GLY A 62 7.76 -29.22 -2.14
C GLY A 62 8.50 -30.53 -2.14
N ASN A 63 9.82 -30.51 -2.37
CA ASN A 63 10.60 -31.75 -2.42
C ASN A 63 10.55 -32.45 -1.07
N THR A 64 9.97 -33.66 -1.05
CA THR A 64 9.71 -34.31 0.23
C THR A 64 10.98 -34.86 0.85
N LEU A 65 12.00 -35.18 0.03
CA LEU A 65 13.29 -35.60 0.58
C LEU A 65 13.97 -34.47 1.35
N LEU A 66 13.90 -33.22 0.82
CA LEU A 66 14.48 -32.08 1.51
C LEU A 66 13.68 -31.75 2.76
N ARG A 67 12.35 -31.78 2.66
CA ARG A 67 11.52 -31.54 3.83
C ARG A 67 11.91 -32.46 4.99
N ASP A 68 12.14 -33.74 4.70
CA ASP A 68 12.50 -34.71 5.75
C ASP A 68 13.89 -34.42 6.31
N TRP A 69 14.81 -34.02 5.46
CA TRP A 69 16.15 -33.72 5.93
C TRP A 69 16.16 -32.49 6.85
N LEU A 70 15.42 -31.44 6.47
CA LEU A 70 15.28 -30.28 7.34
C LEU A 70 14.57 -30.64 8.65
N ALA A 71 13.49 -31.42 8.57
CA ALA A 71 12.73 -31.78 9.77
C ALA A 71 13.56 -32.60 10.75
N ALA A 72 14.48 -33.42 10.22
CA ALA A 72 15.29 -34.32 11.03
C ALA A 72 16.60 -33.70 11.47
N GLY A 73 16.80 -32.40 11.26
CA GLY A 73 17.91 -31.71 11.86
C GLY A 73 19.14 -31.50 11.00
N GLU A 74 19.02 -31.58 9.68
CA GLU A 74 20.09 -31.15 8.76
C GLU A 74 21.36 -32.00 8.87
N ASP A 75 21.20 -33.31 9.00
CA ASP A 75 22.28 -34.29 9.06
C ASP A 75 23.40 -33.95 8.09
N PRO A 76 24.60 -33.62 8.58
CA PRO A 76 25.70 -33.22 7.69
C PRO A 76 26.05 -34.27 6.65
N ALA A 77 25.79 -35.55 6.96
CA ALA A 77 26.17 -36.64 6.08
C ALA A 77 25.46 -36.55 4.75
N GLN A 78 24.28 -35.94 4.71
CA GLN A 78 23.53 -35.78 3.48
C GLN A 78 23.58 -34.38 2.93
N ALA A 79 24.16 -33.44 3.67
CA ALA A 79 24.23 -32.05 3.21
C ALA A 79 24.90 -31.88 1.85
N PRO A 80 26.02 -32.54 1.52
CA PRO A 80 26.62 -32.31 0.19
C PRO A 80 25.66 -32.67 -0.93
N GLN A 81 24.83 -33.69 -0.71
N GLN A 81 24.86 -33.71 -0.73
CA GLN A 81 23.92 -34.12 -1.76
CA GLN A 81 23.91 -34.11 -1.76
C GLN A 81 22.75 -33.17 -1.94
C GLN A 81 22.83 -33.05 -1.97
N PHE A 82 22.34 -32.44 -0.88
CA PHE A 82 21.32 -31.42 -1.09
C PHE A 82 21.91 -30.17 -1.71
N ILE A 83 23.22 -29.90 -1.52
CA ILE A 83 23.85 -28.76 -2.18
C ILE A 83 24.05 -29.06 -3.67
N GLU A 84 24.48 -30.28 -4.00
CA GLU A 84 24.49 -30.75 -5.38
C GLU A 84 23.13 -30.57 -6.03
N TYR A 85 22.07 -30.92 -5.30
CA TYR A 85 20.70 -30.79 -5.81
C TYR A 85 20.34 -29.34 -6.09
N LEU A 86 20.60 -28.42 -5.14
CA LEU A 86 20.40 -27.00 -5.41
C LEU A 86 21.24 -26.51 -6.60
N THR A 87 22.47 -26.98 -6.73
CA THR A 87 23.28 -26.54 -7.88
C THR A 87 22.64 -26.97 -9.20
N ALA A 88 22.20 -28.24 -9.27
CA ALA A 88 21.55 -28.76 -10.48
C ALA A 88 20.29 -27.97 -10.82
N ALA A 89 19.52 -27.60 -9.79
CA ALA A 89 18.28 -26.85 -10.04
C ALA A 89 18.58 -25.43 -10.53
N LYS A 90 19.64 -24.83 -10.01
CA LYS A 90 20.04 -23.50 -10.46
C LYS A 90 20.45 -23.52 -11.92
N GLN A 91 21.34 -24.45 -12.28
CA GLN A 91 21.82 -24.47 -13.65
CA GLN A 91 21.82 -24.49 -13.65
C GLN A 91 20.71 -24.87 -14.62
N ARG A 92 19.93 -25.90 -14.29
CA ARG A 92 18.90 -26.36 -15.22
C ARG A 92 17.89 -25.25 -15.49
N ASN A 93 17.56 -24.47 -14.46
CA ASN A 93 16.54 -23.46 -14.59
C ASN A 93 17.10 -22.07 -14.78
N HIS A 94 18.41 -21.96 -15.03
CA HIS A 94 19.07 -20.70 -15.38
C HIS A 94 18.84 -19.63 -14.32
N ALA A 95 18.76 -20.03 -13.05
CA ALA A 95 18.52 -19.10 -11.96
C ALA A 95 19.81 -18.44 -11.51
N PHE A 96 19.67 -17.26 -10.88
CA PHE A 96 20.85 -16.65 -10.27
C PHE A 96 21.29 -17.44 -9.04
N THR A 97 20.33 -17.89 -8.24
CA THR A 97 20.64 -18.58 -6.99
C THR A 97 19.44 -19.46 -6.61
N THR A 98 19.73 -20.53 -5.89
CA THR A 98 18.71 -21.41 -5.32
C THR A 98 19.07 -21.62 -3.87
N LEU A 99 18.08 -21.98 -3.06
CA LEU A 99 18.25 -21.79 -1.62
C LEU A 99 17.21 -22.58 -0.82
N PHE A 100 17.60 -22.93 0.40
CA PHE A 100 16.63 -23.31 1.42
C PHE A 100 17.21 -22.89 2.75
N ALA A 101 16.32 -22.70 3.71
CA ALA A 101 16.67 -22.24 5.04
C ALA A 101 15.82 -23.01 6.04
N SER A 102 16.38 -23.27 7.22
CA SER A 102 15.65 -23.96 8.28
C SER A 102 15.03 -22.95 9.24
N THR A 103 13.74 -23.12 9.57
CA THR A 103 13.12 -22.24 10.55
C THR A 103 13.49 -22.58 11.99
N GLU A 104 14.17 -23.70 12.21
CA GLU A 104 14.51 -24.08 13.58
C GLU A 104 15.88 -23.56 13.98
N THR A 105 16.84 -23.67 13.06
CA THR A 105 18.20 -23.23 13.28
C THR A 105 18.50 -21.87 12.66
N GLY A 106 17.67 -21.39 11.75
CA GLY A 106 18.00 -20.17 11.05
C GLY A 106 19.06 -20.36 9.99
N HIS A 107 19.53 -21.58 9.80
CA HIS A 107 20.58 -21.82 8.82
C HIS A 107 20.06 -21.51 7.42
N TYR A 108 20.82 -20.74 6.65
CA TYR A 108 20.53 -20.43 5.25
C TYR A 108 21.56 -21.10 4.33
N TYR A 109 21.06 -21.93 3.40
CA TYR A 109 21.89 -22.63 2.41
C TYR A 109 21.62 -22.08 1.02
N ASN A 110 22.65 -21.90 0.21
CA ASN A 110 22.43 -21.66 -1.21
C ASN A 110 23.20 -22.73 -1.97
N GLU A 111 23.35 -22.52 -3.29
CA GLU A 111 23.93 -23.54 -4.15
C GLU A 111 25.37 -23.84 -3.81
N ASN A 112 26.02 -23.00 -2.99
CA ASN A 112 27.40 -23.27 -2.62
C ASN A 112 27.54 -23.90 -1.24
N GLY A 113 26.49 -23.92 -0.43
CA GLY A 113 26.61 -24.53 0.88
C GLY A 113 25.96 -23.68 1.93
N LEU A 114 26.23 -24.03 3.19
CA LEU A 114 25.67 -23.26 4.30
C LEU A 114 26.27 -21.86 4.30
N ASP A 115 25.44 -20.84 4.12
CA ASP A 115 26.00 -19.51 3.93
C ASP A 115 26.08 -18.73 5.24
N ARG A 116 25.05 -18.80 6.08
CA ARG A 116 24.99 -17.95 7.26
C ARG A 116 23.77 -18.35 8.08
N THR A 117 23.62 -17.73 9.24
CA THR A 117 22.48 -17.98 10.11
C THR A 117 21.68 -16.69 10.19
N LEU A 118 20.38 -16.78 9.96
CA LEU A 118 19.48 -15.65 10.02
C LEU A 118 19.11 -15.31 11.47
N SER A 119 18.66 -14.08 11.70
CA SER A 119 18.31 -13.69 13.06
C SER A 119 17.23 -12.64 13.01
N ARG A 120 16.24 -12.74 13.92
CA ARG A 120 15.16 -11.77 13.94
C ARG A 120 15.66 -10.39 14.33
N SER A 121 16.81 -10.31 14.99
CA SER A 121 17.29 -9.00 15.39
C SER A 121 18.11 -8.32 14.29
N ASN A 122 18.21 -8.93 13.11
CA ASN A 122 19.00 -8.37 12.01
C ASN A 122 18.05 -7.84 10.95
N PRO A 123 17.98 -6.53 10.71
CA PRO A 123 17.01 -6.01 9.72
C PRO A 123 17.18 -6.59 8.32
N LYS A 124 18.38 -7.03 7.94
CA LYS A 124 18.56 -7.60 6.60
C LYS A 124 17.81 -8.92 6.42
N ASP A 125 17.40 -9.57 7.51
CA ASP A 125 16.67 -10.84 7.41
C ASP A 125 15.16 -10.68 7.58
N LYS A 126 14.67 -9.44 7.67
N LYS A 126 14.66 -9.45 7.64
CA LYS A 126 13.24 -9.18 7.83
CA LYS A 126 13.23 -9.20 7.85
C LYS A 126 12.39 -9.97 6.85
C LYS A 126 12.37 -9.94 6.83
N TRP A 127 12.89 -10.17 5.62
CA TRP A 127 12.11 -10.85 4.59
C TRP A 127 11.68 -12.23 5.06
N PHE A 128 12.59 -12.95 5.74
CA PHE A 128 12.36 -14.33 6.10
C PHE A 128 11.34 -14.42 7.24
N TYR A 129 11.53 -13.62 8.30
CA TYR A 129 10.63 -13.70 9.44
C TYR A 129 9.25 -13.14 9.11
N GLY A 130 9.20 -12.04 8.34
CA GLY A 130 7.92 -11.54 7.89
C GLY A 130 7.15 -12.59 7.11
N TYR A 131 7.86 -13.31 6.24
CA TYR A 131 7.21 -14.28 5.39
C TYR A 131 6.69 -15.46 6.19
N ILE A 132 7.54 -16.04 7.04
CA ILE A 132 7.06 -17.20 7.77
C ILE A 132 5.97 -16.79 8.75
N ASP A 133 6.07 -15.60 9.36
CA ASP A 133 5.01 -15.13 10.25
C ASP A 133 3.72 -14.94 9.49
N SER A 134 3.80 -14.55 8.21
CA SER A 134 2.60 -14.31 7.41
C SER A 134 1.82 -15.58 7.15
N GLY A 135 2.49 -16.74 7.14
CA GLY A 135 1.84 -17.98 6.76
C GLY A 135 1.48 -18.10 5.30
N ALA A 136 1.78 -17.11 4.47
CA ALA A 136 1.37 -17.19 3.08
C ALA A 136 2.07 -18.35 2.34
N GLU A 137 1.37 -18.89 1.33
N GLU A 137 1.33 -18.90 1.36
CA GLU A 137 1.90 -20.08 0.67
CA GLU A 137 1.80 -20.04 0.56
C GLU A 137 3.12 -19.74 -0.20
C GLU A 137 3.12 -19.71 -0.14
N ARG A 138 3.25 -18.49 -0.63
CA ARG A 138 4.33 -18.06 -1.52
C ARG A 138 4.75 -16.63 -1.19
N PHE A 139 6.04 -16.33 -1.42
CA PHE A 139 6.63 -15.01 -1.26
C PHE A 139 7.33 -14.59 -2.54
N ILE A 140 7.00 -13.41 -3.05
CA ILE A 140 7.67 -12.82 -4.21
C ILE A 140 8.27 -11.49 -3.76
N ASN A 141 9.58 -11.32 -3.90
CA ASN A 141 10.22 -10.18 -3.23
C ASN A 141 11.51 -9.76 -3.93
N ILE A 142 11.62 -8.48 -4.29
CA ILE A 142 12.88 -7.86 -4.73
C ILE A 142 13.74 -7.58 -3.51
N ASP A 143 14.95 -8.13 -3.47
CA ASP A 143 15.75 -7.98 -2.26
C ASP A 143 17.23 -8.14 -2.64
N ILE A 144 18.11 -7.77 -1.71
CA ILE A 144 19.56 -7.96 -1.89
C ILE A 144 19.93 -9.39 -1.47
N ASP A 145 20.50 -10.16 -2.38
CA ASP A 145 21.01 -11.48 -2.02
C ASP A 145 22.08 -11.34 -0.94
N GLY A 146 21.85 -11.99 0.20
CA GLY A 146 22.78 -11.84 1.31
C GLY A 146 24.17 -12.34 0.98
N ALA A 147 24.26 -13.39 0.16
CA ALA A 147 25.56 -14.02 -0.10
C ALA A 147 26.39 -13.23 -1.11
N THR A 148 25.75 -12.48 -2.02
CA THR A 148 26.46 -11.84 -3.13
CA THR A 148 26.49 -11.83 -3.10
C THR A 148 26.29 -10.32 -3.21
N GLY A 149 25.26 -9.75 -2.57
CA GLY A 149 25.01 -8.31 -2.71
C GLY A 149 24.29 -7.89 -3.98
N GLU A 150 23.83 -8.83 -4.79
CA GLU A 150 23.17 -8.54 -6.06
C GLU A 150 21.68 -8.34 -5.86
N LEU A 151 21.10 -7.36 -6.57
CA LEU A 151 19.65 -7.18 -6.56
C LEU A 151 18.96 -8.35 -7.28
N ALA A 152 18.04 -9.02 -6.60
CA ALA A 152 17.39 -10.18 -7.20
C ALA A 152 15.90 -10.16 -6.90
N LEU A 153 15.14 -10.76 -7.83
CA LEU A 153 13.75 -11.18 -7.55
C LEU A 153 13.77 -12.56 -6.92
N PHE A 154 13.33 -12.65 -5.67
CA PHE A 154 13.23 -13.92 -4.99
C PHE A 154 11.81 -14.48 -5.04
N ILE A 155 11.73 -15.78 -5.20
CA ILE A 155 10.48 -16.56 -5.10
C ILE A 155 10.70 -17.59 -4.01
N ASP A 156 9.92 -17.52 -2.96
CA ASP A 156 10.08 -18.43 -1.83
C ASP A 156 8.75 -19.11 -1.55
N TYR A 157 8.81 -20.37 -1.14
CA TYR A 157 7.68 -21.14 -0.65
C TYR A 157 7.97 -21.73 0.71
N ARG A 158 6.89 -21.96 1.46
CA ARG A 158 6.95 -22.69 2.71
C ARG A 158 7.40 -24.12 2.49
N VAL A 159 8.18 -24.65 3.43
CA VAL A 159 8.40 -26.08 3.53
C VAL A 159 7.78 -26.55 4.85
N GLU A 160 6.85 -27.48 4.75
CA GLU A 160 6.01 -27.96 5.84
C GLU A 160 6.10 -29.47 5.95
N LYS A 161 6.00 -29.96 7.19
CA LYS A 161 5.90 -31.38 7.45
C LYS A 161 4.79 -31.59 8.46
N GLU A 162 3.78 -32.36 8.08
CA GLU A 162 2.65 -32.64 8.97
C GLU A 162 2.11 -31.36 9.59
N GLY A 163 1.90 -30.33 8.75
CA GLY A 163 1.42 -29.05 9.21
C GLY A 163 2.44 -28.11 9.82
N LYS A 164 3.63 -28.59 10.18
CA LYS A 164 4.58 -27.79 10.95
C LYS A 164 5.60 -27.18 9.99
N LEU A 165 5.84 -25.89 10.13
CA LEU A 165 6.78 -25.21 9.27
C LEU A 165 8.18 -25.71 9.63
N VAL A 166 8.94 -26.18 8.65
CA VAL A 166 10.33 -26.57 8.91
C VAL A 166 11.32 -25.79 8.08
N GLY A 167 10.88 -25.01 7.10
CA GLY A 167 11.84 -24.29 6.28
C GLY A 167 11.17 -23.40 5.26
N VAL A 168 12.02 -22.77 4.48
CA VAL A 168 11.65 -21.94 3.34
C VAL A 168 12.61 -22.32 2.21
N ALA A 169 12.12 -22.36 0.97
CA ALA A 169 13.02 -22.66 -0.16
C ALA A 169 12.56 -21.88 -1.38
N GLY A 170 13.48 -21.68 -2.31
CA GLY A 170 13.07 -21.06 -3.56
C GLY A 170 14.26 -20.72 -4.43
N MET A 171 14.10 -19.71 -5.27
CA MET A 171 15.21 -19.33 -6.14
C MET A 171 15.17 -17.82 -6.37
N GLY A 172 16.27 -17.30 -6.87
CA GLY A 172 16.41 -15.87 -7.11
C GLY A 172 16.78 -15.64 -8.56
N LEU A 173 16.26 -14.57 -9.14
CA LEU A 173 16.59 -14.16 -10.50
C LEU A 173 17.28 -12.80 -10.45
N ARG A 174 18.30 -12.63 -11.28
CA ARG A 174 19.06 -11.38 -11.25
C ARG A 174 18.21 -10.24 -11.82
N MET A 175 18.09 -9.12 -11.09
CA MET A 175 17.22 -8.06 -11.57
C MET A 175 17.70 -7.47 -12.90
N THR A 176 19.01 -7.39 -13.12
CA THR A 176 19.46 -6.85 -14.40
C THR A 176 18.97 -7.70 -15.56
N GLU A 177 18.95 -9.02 -15.39
CA GLU A 177 18.40 -9.89 -16.45
C GLU A 177 16.91 -9.67 -16.64
N LEU A 178 16.15 -9.48 -15.57
CA LEU A 178 14.72 -9.24 -15.76
C LEU A 178 14.46 -7.92 -16.48
N SER A 179 15.20 -6.86 -16.12
CA SER A 179 15.07 -5.60 -16.86
C SER A 179 15.42 -5.77 -18.33
N LYS A 180 16.45 -6.55 -18.62
N LYS A 180 16.47 -6.55 -18.63
CA LYS A 180 16.81 -6.82 -20.01
CA LYS A 180 16.80 -6.84 -20.02
C LYS A 180 15.66 -7.52 -20.74
C LYS A 180 15.61 -7.48 -20.72
N LEU A 181 15.02 -8.51 -20.09
CA LEU A 181 13.92 -9.21 -20.73
CA LEU A 181 13.91 -9.22 -20.71
C LEU A 181 12.72 -8.29 -20.96
N ILE A 182 12.40 -7.45 -19.98
CA ILE A 182 11.27 -6.54 -20.16
C ILE A 182 11.58 -5.51 -21.25
N HIS A 183 12.83 -5.07 -21.34
CA HIS A 183 13.20 -4.11 -22.38
C HIS A 183 13.05 -4.69 -23.79
N ASP A 184 13.36 -5.98 -23.97
CA ASP A 184 13.24 -6.52 -25.33
C ASP A 184 11.80 -6.66 -25.80
N PHE A 185 10.81 -6.53 -24.90
CA PHE A 185 9.41 -6.47 -25.28
C PHE A 185 8.97 -5.08 -25.68
N SER A 186 9.85 -4.09 -25.64
CA SER A 186 9.51 -2.79 -26.19
C SER A 186 8.98 -2.96 -27.60
N PHE A 187 8.19 -2.00 -28.06
CA PHE A 187 7.55 -2.14 -29.35
C PHE A 187 7.37 -0.77 -29.99
N GLY A 188 7.44 -0.74 -31.33
CA GLY A 188 7.38 0.53 -32.02
C GLY A 188 8.58 1.43 -31.72
N GLU A 189 8.38 2.74 -31.90
CA GLU A 189 9.46 3.69 -31.65
C GLU A 189 9.63 3.97 -30.16
N HIS A 190 8.52 4.05 -29.41
CA HIS A 190 8.59 4.43 -28.01
C HIS A 190 7.60 3.65 -27.17
N GLY A 191 7.24 2.44 -27.60
CA GLY A 191 6.41 1.57 -26.79
C GLY A 191 7.22 0.89 -25.70
N LYS A 192 6.82 1.11 -24.45
N LYS A 192 6.81 1.10 -24.45
CA LYS A 192 7.55 0.57 -23.31
CA LYS A 192 7.56 0.59 -23.30
C LYS A 192 6.61 -0.27 -22.46
C LYS A 192 6.63 -0.23 -22.43
N VAL A 193 7.17 -1.28 -21.81
CA VAL A 193 6.39 -2.19 -20.99
C VAL A 193 7.00 -2.26 -19.59
N PHE A 194 6.14 -2.34 -18.58
CA PHE A 194 6.55 -2.39 -17.18
C PHE A 194 5.76 -3.48 -16.45
N LEU A 195 6.37 -4.06 -15.42
CA LEU A 195 5.67 -4.95 -14.51
C LEU A 195 5.52 -4.23 -13.18
N VAL A 196 4.28 -4.08 -12.70
CA VAL A 196 3.97 -3.25 -11.54
C VAL A 196 3.21 -4.08 -10.52
N ARG A 197 3.61 -3.97 -9.26
CA ARG A 197 2.84 -4.62 -8.21
C ARG A 197 1.52 -3.89 -8.05
N ASN A 198 0.47 -4.63 -7.71
CA ASN A 198 -0.87 -4.04 -7.77
CA ASN A 198 -0.90 -4.10 -7.69
C ASN A 198 -1.04 -2.89 -6.78
N ASP A 199 0.02 -2.55 -6.04
N ASP A 199 0.01 -2.52 -6.07
CA ASP A 199 0.09 -1.35 -5.21
CA ASP A 199 0.02 -1.32 -5.25
C ASP A 199 0.67 -0.15 -5.93
C ASP A 199 0.71 -0.14 -5.93
N GLY A 200 1.21 -0.31 -7.15
CA GLY A 200 1.75 0.78 -7.92
C GLY A 200 3.27 0.85 -7.99
N LEU A 201 3.98 0.11 -7.15
CA LEU A 201 5.43 0.08 -7.25
C LEU A 201 5.83 -0.69 -8.50
N ILE A 202 6.68 -0.08 -9.33
CA ILE A 202 7.16 -0.76 -10.54
C ILE A 202 8.17 -1.82 -10.14
N GLN A 203 7.85 -3.08 -10.44
CA GLN A 203 8.73 -4.17 -10.03
C GLN A 203 9.87 -4.36 -11.02
N VAL A 204 9.55 -4.42 -12.32
CA VAL A 204 10.53 -4.62 -13.39
C VAL A 204 10.34 -3.50 -14.42
N HIS A 205 11.39 -2.69 -14.60
CA HIS A 205 11.40 -1.55 -15.50
C HIS A 205 12.46 -1.77 -16.58
N PRO A 206 12.23 -1.33 -17.82
CA PRO A 206 13.28 -1.49 -18.86
C PRO A 206 14.63 -0.89 -18.45
N ASP A 207 14.64 0.25 -17.77
CA ASP A 207 15.85 0.80 -17.17
C ASP A 207 16.04 0.20 -15.79
N ALA A 208 17.03 -0.70 -15.64
CA ALA A 208 17.20 -1.47 -14.42
C ALA A 208 17.23 -0.60 -13.17
N ALA A 209 17.76 0.63 -13.29
CA ALA A 209 17.87 1.53 -12.14
C ALA A 209 16.54 1.70 -11.42
N PHE A 210 15.43 1.58 -12.13
CA PHE A 210 14.13 1.92 -11.56
C PHE A 210 13.33 0.71 -11.11
N SER A 211 13.83 -0.50 -11.32
CA SER A 211 13.11 -1.71 -10.94
C SER A 211 13.01 -1.80 -9.41
N GLY A 212 11.78 -1.90 -8.91
CA GLY A 212 11.53 -1.92 -7.49
C GLY A 212 11.65 -0.58 -6.80
N LYS A 213 11.86 0.51 -7.55
CA LYS A 213 12.12 1.80 -6.92
C LYS A 213 11.18 2.90 -7.43
N ARG A 214 10.72 2.81 -8.66
CA ARG A 214 9.84 3.83 -9.22
C ARG A 214 8.36 3.48 -9.03
N GLN A 215 7.58 4.48 -8.63
CA GLN A 215 6.13 4.34 -8.58
C GLN A 215 5.55 4.57 -9.97
N LEU A 216 4.41 3.91 -10.24
CA LEU A 216 3.77 4.08 -11.54
C LEU A 216 3.39 5.55 -11.79
N ALA A 217 3.07 6.29 -10.73
CA ALA A 217 2.69 7.70 -10.92
C ALA A 217 3.85 8.52 -11.46
N GLU A 218 5.08 8.20 -11.05
CA GLU A 218 6.25 8.87 -11.62
C GLU A 218 6.34 8.62 -13.12
N GLN A 219 6.00 7.42 -13.58
CA GLN A 219 6.16 7.12 -14.99
C GLN A 219 5.02 7.71 -15.82
N LEU A 220 3.79 7.64 -15.32
CA LEU A 220 2.61 7.98 -16.10
C LEU A 220 1.90 9.25 -15.66
N GLY A 221 2.13 9.70 -14.44
CA GLY A 221 1.15 10.63 -13.89
C GLY A 221 0.07 9.91 -13.12
N ALA A 222 -0.41 10.57 -12.07
CA ALA A 222 -1.29 9.90 -11.10
C ALA A 222 -2.56 9.39 -11.76
N ASP A 223 -3.21 10.24 -12.58
CA ASP A 223 -4.49 9.87 -13.17
C ASP A 223 -4.37 8.61 -14.02
N ALA A 224 -3.37 8.57 -14.89
CA ALA A 224 -3.21 7.42 -15.78
C ALA A 224 -2.79 6.18 -15.00
N ALA A 225 -1.91 6.34 -14.01
CA ALA A 225 -1.54 5.22 -13.15
C ALA A 225 -2.77 4.63 -12.46
N LYS A 226 -3.57 5.48 -11.83
CA LYS A 226 -4.83 5.02 -11.26
C LYS A 226 -5.70 4.34 -12.31
N GLY A 227 -5.72 4.90 -13.53
CA GLY A 227 -6.58 4.36 -14.56
C GLY A 227 -6.26 2.93 -14.94
N VAL A 228 -4.97 2.64 -15.17
CA VAL A 228 -4.59 1.30 -15.60
C VAL A 228 -4.50 0.32 -14.45
N MET A 229 -4.37 0.81 -13.21
CA MET A 229 -4.33 -0.06 -12.04
C MET A 229 -5.72 -0.32 -11.48
N THR A 230 -6.74 0.40 -11.96
CA THR A 230 -8.12 0.17 -11.57
C THR A 230 -8.86 -0.49 -12.72
N GLY A 231 -9.59 -1.56 -12.43
CA GLY A 231 -10.30 -2.31 -13.45
C GLY A 231 -10.40 -3.77 -13.04
N GLY A 232 -10.92 -4.57 -13.97
CA GLY A 232 -11.09 -6.00 -13.79
C GLY A 232 -9.97 -6.80 -14.44
N GLU A 233 -10.35 -7.90 -15.08
N GLU A 233 -10.34 -7.92 -15.06
CA GLU A 233 -9.40 -8.79 -15.73
CA GLU A 233 -9.36 -8.78 -15.73
C GLU A 233 -9.26 -8.51 -17.21
C GLU A 233 -9.20 -8.47 -17.20
N SER A 234 -9.94 -7.50 -17.73
CA SER A 234 -9.79 -7.12 -19.11
C SER A 234 -8.81 -5.95 -19.24
N LEU A 235 -8.43 -5.67 -20.47
CA LEU A 235 -7.55 -4.54 -20.76
C LEU A 235 -8.08 -3.25 -20.14
N ARG A 236 -7.26 -2.62 -19.32
CA ARG A 236 -7.53 -1.27 -18.86
C ARG A 236 -6.76 -0.29 -19.73
N SER A 237 -7.27 0.93 -19.85
CA SER A 237 -6.58 1.95 -20.61
C SER A 237 -6.83 3.31 -19.98
N SER A 238 -5.90 4.24 -20.23
CA SER A 238 -6.07 5.64 -19.87
C SER A 238 -5.18 6.48 -20.77
N ARG A 239 -5.61 7.71 -21.00
CA ARG A 239 -4.79 8.69 -21.73
C ARG A 239 -3.99 9.52 -20.73
N PHE A 240 -2.78 9.89 -21.13
CA PHE A 240 -2.04 10.89 -20.37
C PHE A 240 -1.20 11.69 -21.35
N SER A 241 -0.81 12.89 -20.92
CA SER A 241 0.05 13.77 -21.71
C SER A 241 1.43 13.84 -21.08
N ARG A 242 2.45 13.78 -21.92
CA ARG A 242 3.84 13.93 -21.51
C ARG A 242 4.44 15.06 -22.35
N ASP A 243 4.73 16.19 -21.70
CA ASP A 243 5.13 17.44 -22.35
C ASP A 243 4.34 17.70 -23.63
N GLY A 244 3.01 17.70 -23.49
CA GLY A 244 2.15 17.95 -24.63
C GLY A 244 2.11 16.86 -25.67
N GLU A 245 2.80 15.75 -25.45
CA GLU A 245 2.68 14.56 -26.30
C GLU A 245 1.63 13.64 -25.69
N ARG A 246 0.61 13.29 -26.49
CA ARG A 246 -0.48 12.46 -26.01
CA ARG A 246 -0.47 12.46 -26.00
C ARG A 246 -0.08 10.99 -26.06
N TYR A 247 -0.32 10.27 -24.97
CA TYR A 247 0.11 8.89 -24.82
C TYR A 247 -1.08 8.03 -24.44
N LEU A 248 -0.95 6.73 -24.67
CA LEU A 248 -1.91 5.73 -24.24
C LEU A 248 -1.26 4.77 -23.27
N ALA A 249 -1.94 4.52 -22.15
CA ALA A 249 -1.49 3.58 -21.15
C ALA A 249 -2.43 2.38 -21.14
N LEU A 250 -1.85 1.18 -21.07
CA LEU A 250 -2.63 -0.04 -21.09
C LEU A 250 -2.26 -0.86 -19.87
N GLY A 251 -3.19 -1.72 -19.46
CA GLY A 251 -2.96 -2.57 -18.31
C GLY A 251 -3.63 -3.91 -18.48
N LEU A 252 -2.96 -4.97 -18.03
CA LEU A 252 -3.46 -6.30 -18.18
C LEU A 252 -2.88 -7.05 -16.99
N PRO A 253 -3.72 -7.71 -16.20
CA PRO A 253 -3.21 -8.43 -15.04
C PRO A 253 -2.47 -9.70 -15.44
N LEU A 254 -1.50 -10.06 -14.61
CA LEU A 254 -0.95 -11.40 -14.68
C LEU A 254 -1.87 -12.34 -13.92
N ARG A 255 -2.01 -13.58 -14.41
CA ARG A 255 -2.92 -14.51 -13.76
C ARG A 255 -2.32 -15.16 -12.51
N ASP A 256 -1.01 -15.34 -12.46
CA ASP A 256 -0.42 -16.11 -11.37
C ASP A 256 0.26 -15.24 -10.31
N LEU A 257 0.47 -13.95 -10.57
CA LEU A 257 1.11 -13.04 -9.63
C LEU A 257 0.18 -11.87 -9.39
N ASN A 258 0.32 -11.24 -8.23
N ASN A 258 0.30 -11.24 -8.22
CA ASN A 258 -0.47 -10.05 -7.96
CA ASN A 258 -0.48 -10.03 -7.97
C ASN A 258 0.21 -8.83 -8.59
C ASN A 258 0.20 -8.82 -8.60
N TRP A 259 0.58 -8.96 -9.86
CA TRP A 259 1.27 -7.93 -10.62
C TRP A 259 0.43 -7.58 -11.83
N THR A 260 0.75 -6.44 -12.44
CA THR A 260 0.08 -5.94 -13.63
C THR A 260 1.10 -5.59 -14.71
N LEU A 261 0.81 -5.98 -15.94
CA LEU A 261 1.63 -5.60 -17.08
C LEU A 261 1.11 -4.24 -17.54
N VAL A 262 1.99 -3.24 -17.57
CA VAL A 262 1.60 -1.92 -18.03
C VAL A 262 2.42 -1.58 -19.26
N ALA A 263 1.74 -1.03 -20.27
CA ALA A 263 2.39 -0.58 -21.49
C ALA A 263 2.08 0.89 -21.71
N GLU A 264 3.01 1.56 -22.37
CA GLU A 264 2.94 2.98 -22.67
C GLU A 264 3.28 3.15 -24.13
N VAL A 265 2.39 3.80 -24.89
CA VAL A 265 2.64 4.02 -26.30
C VAL A 265 2.13 5.41 -26.70
N PRO A 266 2.91 6.20 -27.44
CA PRO A 266 2.39 7.47 -27.97
C PRO A 266 1.18 7.20 -28.85
N GLU A 267 0.25 8.17 -28.83
CA GLU A 267 -0.99 8.00 -29.58
C GLU A 267 -0.70 7.81 -31.07
N SER A 268 0.29 8.51 -31.60
CA SER A 268 0.67 8.41 -33.01
C SER A 268 1.20 7.03 -33.37
N GLU A 269 1.55 6.20 -32.40
CA GLU A 269 2.05 4.86 -32.67
C GLU A 269 0.99 3.80 -32.52
N ILE A 270 -0.23 4.18 -32.14
CA ILE A 270 -1.26 3.18 -31.87
C ILE A 270 -1.46 2.27 -33.08
N TYR A 271 -1.39 2.84 -34.27
CA TYR A 271 -1.54 2.10 -35.51
C TYR A 271 -0.20 2.00 -36.23
N ALA A 272 0.14 0.79 -36.68
CA ALA A 272 1.29 0.56 -37.54
C ALA A 272 1.25 -0.86 -38.08
N ARG B 28 -28.90 31.18 3.02
CA ARG B 28 -29.50 30.34 2.00
C ARG B 28 -28.92 30.65 0.63
N TYR B 29 -27.86 31.46 0.62
CA TYR B 29 -27.33 32.02 -0.61
C TYR B 29 -25.94 32.56 -0.33
N LEU B 30 -25.13 32.68 -1.38
CA LEU B 30 -23.78 33.21 -1.25
CA LEU B 30 -23.81 33.25 -1.24
C LEU B 30 -23.49 34.14 -2.43
N VAL B 31 -22.64 35.10 -2.17
CA VAL B 31 -22.06 35.96 -3.19
C VAL B 31 -20.74 35.31 -3.61
N ASP B 32 -20.48 35.29 -4.93
CA ASP B 32 -19.30 34.57 -5.42
C ASP B 32 -18.01 35.16 -4.88
N THR B 33 -17.96 36.46 -4.61
CA THR B 33 -16.74 37.08 -4.11
C THR B 33 -16.34 36.59 -2.73
N ALA B 34 -17.31 36.21 -1.91
CA ALA B 34 -17.02 35.73 -0.55
C ALA B 34 -16.73 34.24 -0.51
N LEU B 35 -16.75 33.57 -1.65
CA LEU B 35 -16.73 32.10 -1.68
C LEU B 35 -15.33 31.57 -1.40
N PRO B 36 -14.26 32.11 -2.00
CA PRO B 36 -12.90 31.66 -1.61
C PRO B 36 -12.64 31.79 -0.13
N ALA B 37 -13.03 32.91 0.48
CA ALA B 37 -12.84 33.06 1.91
C ALA B 37 -13.73 32.12 2.71
N SER B 38 -14.94 31.82 2.21
CA SER B 38 -15.84 30.93 2.94
C SER B 38 -15.30 29.50 2.96
N ILE B 39 -14.74 29.04 1.84
CA ILE B 39 -14.16 27.71 1.79
C ILE B 39 -12.97 27.64 2.74
N GLU B 40 -12.11 28.66 2.71
CA GLU B 40 -10.94 28.70 3.56
C GLU B 40 -11.31 28.70 5.04
N ALA B 41 -12.37 29.44 5.42
CA ALA B 41 -12.82 29.38 6.81
C ALA B 41 -13.23 27.96 7.19
N ILE B 42 -13.89 27.25 6.27
CA ILE B 42 -14.29 25.87 6.56
C ILE B 42 -13.07 24.95 6.58
N ARG B 43 -12.18 25.09 5.61
CA ARG B 43 -10.94 24.31 5.63
C ARG B 43 -10.19 24.51 6.94
N ASN B 44 -10.01 25.78 7.36
CA ASN B 44 -9.30 26.04 8.61
C ASN B 44 -10.04 25.45 9.81
N ASP B 45 -11.37 25.52 9.85
CA ASP B 45 -12.10 24.93 10.97
C ASP B 45 -11.89 23.44 11.06
N ILE B 46 -11.98 22.75 9.92
CA ILE B 46 -11.76 21.31 9.93
C ILE B 46 -10.38 20.97 10.45
N GLU B 47 -9.37 21.67 9.94
CA GLU B 47 -8.00 21.42 10.39
CA GLU B 47 -8.02 21.39 10.39
C GLU B 47 -7.82 21.76 11.87
N ARG B 48 -8.53 22.79 12.36
CA ARG B 48 -8.56 23.02 13.81
C ARG B 48 -9.14 21.81 14.53
N MET B 49 -10.28 21.28 14.07
CA MET B 49 -10.93 20.16 14.76
C MET B 49 -10.10 18.88 14.64
N LEU B 50 -9.53 18.62 13.47
CA LEU B 50 -8.66 17.45 13.33
C LEU B 50 -7.35 17.61 14.09
N GLY B 51 -6.95 18.85 14.41
CA GLY B 51 -5.68 19.08 15.06
C GLY B 51 -5.61 18.46 16.44
N GLN B 52 -6.70 18.52 17.20
CA GLN B 52 -6.65 17.94 18.54
C GLN B 52 -6.35 16.45 18.52
N PRO B 53 -7.04 15.60 17.73
CA PRO B 53 -6.66 14.17 17.72
C PRO B 53 -5.27 13.91 17.17
N LEU B 54 -4.82 14.70 16.21
CA LEU B 54 -3.46 14.51 15.69
C LEU B 54 -2.42 14.78 16.77
N VAL B 55 -2.57 15.89 17.52
CA VAL B 55 -1.61 16.22 18.57
C VAL B 55 -1.67 15.21 19.70
N ALA B 56 -2.89 14.83 20.13
CA ALA B 56 -3.03 13.92 21.26
C ALA B 56 -2.53 12.51 20.91
N ALA B 57 -2.78 12.08 19.69
CA ALA B 57 -2.27 10.77 19.33
C ALA B 57 -0.75 10.75 19.32
N ALA B 58 -0.13 11.83 18.85
CA ALA B 58 1.34 11.95 18.87
C ALA B 58 1.90 12.07 20.29
N ASP B 59 1.20 12.73 21.22
CA ASP B 59 1.65 12.71 22.61
C ASP B 59 1.67 11.28 23.19
N ILE B 60 0.66 10.44 22.87
CA ILE B 60 0.68 9.04 23.36
C ILE B 60 1.87 8.28 22.79
N ALA B 61 2.05 8.34 21.47
CA ALA B 61 3.15 7.63 20.86
C ALA B 61 4.49 8.18 21.32
N GLY B 62 4.55 9.49 21.67
CA GLY B 62 5.76 10.14 22.09
C GLY B 62 6.06 10.00 23.55
N ASN B 63 5.17 9.35 24.30
CA ASN B 63 5.30 9.21 25.74
C ASN B 63 6.51 8.33 26.07
N THR B 64 7.56 8.94 26.67
CA THR B 64 8.80 8.19 26.91
C THR B 64 8.63 7.12 27.99
N LEU B 65 7.69 7.29 28.92
CA LEU B 65 7.40 6.24 29.90
C LEU B 65 6.85 4.99 29.24
N LEU B 66 5.89 5.16 28.33
CA LEU B 66 5.33 4.02 27.60
C LEU B 66 6.39 3.38 26.74
N ARG B 67 7.22 4.21 26.11
CA ARG B 67 8.27 3.67 25.25
C ARG B 67 9.18 2.74 26.05
N ASP B 68 9.65 3.20 27.21
CA ASP B 68 10.54 2.38 28.02
C ASP B 68 9.84 1.14 28.56
N TRP B 69 8.55 1.25 28.87
CA TRP B 69 7.84 0.07 29.35
C TRP B 69 7.73 -0.99 28.23
N LEU B 70 7.42 -0.55 27.00
CA LEU B 70 7.33 -1.52 25.90
C LEU B 70 8.69 -2.13 25.58
N ALA B 71 9.75 -1.33 25.67
CA ALA B 71 11.08 -1.85 25.32
C ALA B 71 11.63 -2.79 26.38
N ALA B 72 11.24 -2.62 27.65
CA ALA B 72 11.67 -3.56 28.67
C ALA B 72 10.93 -4.90 28.61
N GLY B 73 9.86 -5.01 27.83
CA GLY B 73 9.12 -6.24 27.73
C GLY B 73 7.79 -6.29 28.47
N GLU B 74 7.10 -5.15 28.64
CA GLU B 74 5.69 -5.13 29.03
C GLU B 74 5.43 -5.78 30.40
N ASP B 75 6.22 -5.41 31.40
CA ASP B 75 6.06 -6.02 32.72
C ASP B 75 4.62 -5.88 33.23
N PRO B 76 3.89 -6.98 33.41
CA PRO B 76 2.46 -6.86 33.71
C PRO B 76 2.16 -6.11 35.00
N ALA B 77 3.16 -5.94 35.87
CA ALA B 77 2.95 -5.21 37.11
C ALA B 77 2.59 -3.75 36.86
N GLN B 78 3.14 -3.13 35.81
CA GLN B 78 2.83 -1.75 35.51
C GLN B 78 1.77 -1.59 34.43
N ALA B 79 1.36 -2.68 33.79
CA ALA B 79 0.30 -2.59 32.78
C ALA B 79 -0.92 -1.82 33.26
N PRO B 80 -1.49 -2.07 34.45
CA PRO B 80 -2.67 -1.28 34.86
C PRO B 80 -2.44 0.22 34.82
N GLN B 81 -1.25 0.71 35.20
CA GLN B 81 -0.94 2.14 35.14
CA GLN B 81 -1.02 2.14 35.14
C GLN B 81 -1.07 2.68 33.71
N PHE B 82 -0.64 1.88 32.74
CA PHE B 82 -0.72 2.35 31.35
C PHE B 82 -2.12 2.22 30.79
N ILE B 83 -2.94 1.28 31.31
CA ILE B 83 -4.34 1.25 30.91
C ILE B 83 -5.08 2.46 31.46
N GLU B 84 -4.83 2.81 32.73
CA GLU B 84 -5.41 4.00 33.32
C GLU B 84 -5.05 5.23 32.50
N TYR B 85 -3.80 5.28 32.03
CA TYR B 85 -3.32 6.40 31.23
C TYR B 85 -4.04 6.51 29.89
N LEU B 86 -4.15 5.40 29.14
CA LEU B 86 -5.02 5.36 27.96
C LEU B 86 -6.47 5.82 28.26
N THR B 87 -7.05 5.35 29.37
CA THR B 87 -8.44 5.74 29.64
C THR B 87 -8.56 7.24 29.82
N ALA B 88 -7.66 7.83 30.61
CA ALA B 88 -7.72 9.28 30.83
C ALA B 88 -7.49 10.03 29.52
N ALA B 89 -6.60 9.53 28.68
CA ALA B 89 -6.35 10.19 27.39
C ALA B 89 -7.57 10.10 26.48
N LYS B 90 -8.31 9.00 26.54
CA LYS B 90 -9.50 8.85 25.72
C LYS B 90 -10.57 9.82 26.18
N GLN B 91 -10.82 9.90 27.48
N GLN B 91 -10.80 9.86 27.49
CA GLN B 91 -11.88 10.78 27.96
CA GLN B 91 -11.81 10.74 28.05
C GLN B 91 -11.51 12.24 27.74
C GLN B 91 -11.48 12.20 27.73
N ARG B 92 -10.26 12.62 28.06
CA ARG B 92 -9.83 14.01 27.92
CA ARG B 92 -9.87 14.02 27.94
C ARG B 92 -9.93 14.51 26.49
N ASN B 93 -9.63 13.65 25.52
CA ASN B 93 -9.58 14.08 24.13
C ASN B 93 -10.81 13.68 23.32
N HIS B 94 -11.88 13.23 23.99
CA HIS B 94 -13.15 12.84 23.36
C HIS B 94 -12.96 11.87 22.20
N ALA B 95 -12.12 10.87 22.43
CA ALA B 95 -11.79 9.88 21.41
C ALA B 95 -12.68 8.68 21.56
N PHE B 96 -12.87 7.96 20.44
CA PHE B 96 -13.60 6.70 20.51
C PHE B 96 -12.76 5.62 21.18
N THR B 97 -11.44 5.64 20.97
CA THR B 97 -10.53 4.64 21.53
C THR B 97 -9.11 5.22 21.50
N THR B 98 -8.29 4.80 22.46
CA THR B 98 -6.86 5.10 22.48
C THR B 98 -6.14 3.78 22.63
N LEU B 99 -4.88 3.72 22.19
CA LEU B 99 -4.32 2.42 21.96
C LEU B 99 -2.79 2.50 21.87
N PHE B 100 -2.14 1.36 22.14
CA PHE B 100 -0.74 1.13 21.79
C PHE B 100 -0.56 -0.39 21.62
N ALA B 101 0.41 -0.76 20.78
CA ALA B 101 0.64 -2.16 20.42
C ALA B 101 2.13 -2.39 20.35
N SER B 102 2.58 -3.54 20.86
CA SER B 102 4.00 -3.88 20.85
C SER B 102 4.34 -4.57 19.53
N THR B 103 5.37 -4.06 18.85
CA THR B 103 5.81 -4.69 17.60
C THR B 103 6.57 -5.99 17.83
N GLU B 104 7.05 -6.21 19.05
CA GLU B 104 7.75 -7.46 19.37
CA GLU B 104 7.74 -7.46 19.36
C GLU B 104 6.77 -8.59 19.65
N THR B 105 5.76 -8.34 20.49
CA THR B 105 4.82 -9.39 20.87
C THR B 105 3.52 -9.35 20.08
N GLY B 106 3.22 -8.24 19.40
CA GLY B 106 1.93 -8.13 18.78
C GLY B 106 0.82 -7.82 19.75
N HIS B 107 1.10 -7.65 21.04
CA HIS B 107 0.00 -7.42 21.97
C HIS B 107 -0.60 -6.05 21.68
N TYR B 108 -1.92 -5.98 21.58
CA TYR B 108 -2.64 -4.76 21.27
C TYR B 108 -3.41 -4.36 22.52
N TYR B 109 -3.12 -3.18 23.04
CA TYR B 109 -3.76 -2.65 24.24
C TYR B 109 -4.67 -1.47 23.88
N ASN B 110 -5.84 -1.39 24.51
CA ASN B 110 -6.63 -0.16 24.42
C ASN B 110 -7.06 0.30 25.81
N GLU B 111 -7.98 1.27 25.86
CA GLU B 111 -8.41 1.82 27.15
C GLU B 111 -9.01 0.77 28.09
N ASN B 112 -9.29 -0.46 27.63
CA ASN B 112 -9.84 -1.50 28.49
C ASN B 112 -8.86 -2.61 28.83
N GLY B 113 -7.62 -2.55 28.34
CA GLY B 113 -6.64 -3.56 28.64
C GLY B 113 -6.05 -4.17 27.37
N LEU B 114 -5.21 -5.18 27.59
CA LEU B 114 -4.74 -6.02 26.49
C LEU B 114 -5.94 -6.66 25.78
N ASP B 115 -6.24 -6.22 24.55
CA ASP B 115 -7.43 -6.70 23.85
C ASP B 115 -7.18 -8.01 23.13
N ARG B 116 -6.04 -8.15 22.46
CA ARG B 116 -5.79 -9.31 21.61
C ARG B 116 -4.34 -9.24 21.17
N THR B 117 -3.95 -10.20 20.34
CA THR B 117 -2.58 -10.27 19.83
C THR B 117 -2.61 -10.22 18.31
N LEU B 118 -1.98 -9.20 17.74
CA LEU B 118 -1.93 -9.07 16.29
C LEU B 118 -1.07 -10.17 15.70
N SER B 119 -1.37 -10.54 14.45
CA SER B 119 -0.53 -11.53 13.77
C SER B 119 -0.46 -11.19 12.30
N ARG B 120 0.71 -11.46 11.68
CA ARG B 120 0.87 -11.18 10.26
C ARG B 120 0.00 -12.06 9.38
N SER B 121 -0.45 -13.20 9.90
CA SER B 121 -1.26 -14.12 9.13
C SER B 121 -2.75 -13.74 9.17
N ASN B 122 -3.14 -12.76 9.99
CA ASN B 122 -4.53 -12.34 10.05
C ASN B 122 -4.71 -11.14 9.13
N PRO B 123 -5.44 -11.26 8.02
CA PRO B 123 -5.70 -10.10 7.16
C PRO B 123 -6.31 -8.91 7.89
N LYS B 124 -7.00 -9.17 9.00
CA LYS B 124 -7.55 -8.03 9.74
C LYS B 124 -6.51 -7.18 10.45
N ASP B 125 -5.28 -7.67 10.60
CA ASP B 125 -4.22 -6.86 11.17
C ASP B 125 -3.30 -6.24 10.12
N LYS B 126 -3.68 -6.30 8.84
CA LYS B 126 -2.82 -5.80 7.77
CA LYS B 126 -2.78 -5.83 7.79
C LYS B 126 -2.44 -4.34 7.97
N TRP B 127 -3.33 -3.55 8.59
CA TRP B 127 -3.01 -2.13 8.81
C TRP B 127 -1.71 -1.98 9.59
N PHE B 128 -1.49 -2.81 10.60
CA PHE B 128 -0.36 -2.67 11.50
C PHE B 128 0.94 -3.05 10.82
N TYR B 129 0.98 -4.23 10.19
CA TYR B 129 2.22 -4.69 9.53
C TYR B 129 2.53 -3.88 8.28
N GLY B 130 1.50 -3.47 7.54
CA GLY B 130 1.76 -2.55 6.43
C GLY B 130 2.38 -1.25 6.91
N TYR B 131 1.86 -0.70 8.02
CA TYR B 131 2.38 0.58 8.48
C TYR B 131 3.83 0.45 8.93
N ILE B 132 4.12 -0.54 9.78
CA ILE B 132 5.47 -0.62 10.32
C ILE B 132 6.46 -0.94 9.21
N ASP B 133 6.05 -1.78 8.24
CA ASP B 133 6.93 -2.08 7.11
C ASP B 133 7.22 -0.82 6.29
N SER B 134 6.25 0.10 6.18
CA SER B 134 6.49 1.30 5.36
C SER B 134 7.48 2.26 6.02
N GLY B 135 7.61 2.23 7.35
CA GLY B 135 8.49 3.15 8.06
C GLY B 135 7.97 4.56 8.19
N ALA B 136 6.78 4.86 7.67
CA ALA B 136 6.25 6.21 7.72
C ALA B 136 6.11 6.70 9.15
N GLU B 137 6.26 8.03 9.33
CA GLU B 137 6.16 8.59 10.67
CA GLU B 137 6.15 8.64 10.65
C GLU B 137 4.73 8.56 11.19
N ARG B 138 3.73 8.74 10.32
CA ARG B 138 2.33 8.81 10.72
C ARG B 138 1.47 7.93 9.81
N PHE B 139 0.37 7.42 10.38
CA PHE B 139 -0.59 6.59 9.67
C PHE B 139 -1.98 7.17 9.89
N ILE B 140 -2.70 7.45 8.80
CA ILE B 140 -4.08 7.95 8.86
C ILE B 140 -4.93 6.96 8.08
N ASN B 141 -5.87 6.28 8.75
CA ASN B 141 -6.46 5.10 8.12
C ASN B 141 -7.88 4.93 8.66
N ILE B 142 -8.84 4.77 7.74
CA ILE B 142 -10.21 4.42 8.09
C ILE B 142 -10.34 2.90 8.13
N ASP B 143 -10.75 2.34 9.27
CA ASP B 143 -10.66 0.90 9.46
C ASP B 143 -11.69 0.46 10.48
N ILE B 144 -11.92 -0.84 10.54
CA ILE B 144 -12.81 -1.44 11.52
C ILE B 144 -12.03 -1.63 12.82
N ASP B 145 -12.48 -0.98 13.90
CA ASP B 145 -11.86 -1.18 15.20
C ASP B 145 -12.02 -2.64 15.59
N GLY B 146 -10.90 -3.36 15.73
CA GLY B 146 -11.01 -4.80 15.97
C GLY B 146 -11.73 -5.14 17.26
N ALA B 147 -11.71 -4.22 18.23
CA ALA B 147 -12.32 -4.48 19.53
C ALA B 147 -13.84 -4.39 19.47
N THR B 148 -14.38 -3.44 18.69
CA THR B 148 -15.80 -3.13 18.73
C THR B 148 -16.53 -3.31 17.41
N GLY B 149 -15.83 -3.45 16.28
CA GLY B 149 -16.49 -3.63 14.99
C GLY B 149 -17.00 -2.36 14.34
N GLU B 150 -16.83 -1.20 14.96
N GLU B 150 -16.78 -1.21 14.97
CA GLU B 150 -17.33 0.03 14.38
CA GLU B 150 -17.20 0.09 14.45
C GLU B 150 -16.26 0.73 13.55
C GLU B 150 -16.19 0.65 13.45
N LEU B 151 -16.70 1.38 12.48
CA LEU B 151 -15.82 2.15 11.59
C LEU B 151 -15.24 3.36 12.32
N ALA B 152 -13.90 3.51 12.26
CA ALA B 152 -13.21 4.62 12.88
C ALA B 152 -12.13 5.17 11.95
N LEU B 153 -11.86 6.47 12.10
CA LEU B 153 -10.63 7.09 11.62
C LEU B 153 -9.55 6.91 12.67
N PHE B 154 -8.48 6.19 12.30
CA PHE B 154 -7.34 5.97 13.19
C PHE B 154 -6.18 6.87 12.81
N ILE B 155 -5.50 7.41 13.84
CA ILE B 155 -4.23 8.09 13.70
C ILE B 155 -3.20 7.29 14.50
N ASP B 156 -2.18 6.76 13.82
CA ASP B 156 -1.12 6.01 14.49
C ASP B 156 0.25 6.64 14.26
N TYR B 157 1.14 6.39 15.22
CA TYR B 157 2.55 6.80 15.12
C TYR B 157 3.45 5.68 15.61
N ARG B 158 4.69 5.75 15.19
CA ARG B 158 5.70 4.80 15.62
C ARG B 158 6.15 5.11 17.04
N VAL B 159 6.49 4.06 17.76
CA VAL B 159 7.12 4.17 19.07
C VAL B 159 8.51 3.56 18.97
N GLU B 160 9.55 4.38 19.17
CA GLU B 160 10.92 3.98 18.90
C GLU B 160 11.80 4.23 20.11
N LYS B 161 12.74 3.33 20.36
CA LYS B 161 13.69 3.50 21.43
C LYS B 161 15.08 3.24 20.87
N GLU B 162 15.97 4.24 21.00
CA GLU B 162 17.32 4.23 20.43
CA GLU B 162 17.33 4.16 20.45
C GLU B 162 17.29 3.71 18.99
N GLY B 163 16.39 4.29 18.21
CA GLY B 163 16.25 3.93 16.81
C GLY B 163 15.51 2.62 16.53
N LYS B 164 15.16 1.84 17.54
CA LYS B 164 14.53 0.54 17.32
C LYS B 164 13.02 0.65 17.53
N LEU B 165 12.26 0.21 16.53
CA LEU B 165 10.80 0.17 16.66
C LEU B 165 10.37 -0.77 17.78
N VAL B 166 9.63 -0.25 18.75
CA VAL B 166 9.06 -1.08 19.81
C VAL B 166 7.54 -1.06 19.82
N GLY B 167 6.91 -0.14 19.10
CA GLY B 167 5.46 -0.20 19.05
C GLY B 167 4.85 0.81 18.11
N VAL B 168 3.54 0.86 18.17
CA VAL B 168 2.70 1.79 17.44
C VAL B 168 1.65 2.27 18.44
N ALA B 169 1.30 3.55 18.37
CA ALA B 169 0.27 4.05 19.26
C ALA B 169 -0.57 5.10 18.55
N GLY B 170 -1.78 5.28 19.05
CA GLY B 170 -2.50 6.50 18.75
C GLY B 170 -3.94 6.39 19.21
N MET B 171 -4.87 6.85 18.37
CA MET B 171 -6.26 6.95 18.78
C MET B 171 -7.16 6.84 17.57
N GLY B 172 -8.43 6.50 17.82
CA GLY B 172 -9.43 6.39 16.77
C GLY B 172 -10.59 7.32 17.05
N LEU B 173 -11.26 7.74 15.97
CA LEU B 173 -12.41 8.64 16.00
C LEU B 173 -13.58 7.98 15.30
N ARG B 174 -14.76 8.04 15.90
CA ARG B 174 -15.91 7.38 15.30
C ARG B 174 -16.26 8.04 13.96
N MET B 175 -16.38 7.22 12.90
CA MET B 175 -16.69 7.79 11.59
C MET B 175 -18.08 8.43 11.55
N THR B 176 -19.05 7.86 12.24
CA THR B 176 -20.35 8.53 12.29
C THR B 176 -20.24 9.92 12.95
N GLU B 177 -19.41 10.07 13.98
CA GLU B 177 -19.19 11.40 14.57
C GLU B 177 -18.59 12.37 13.54
N LEU B 178 -17.54 11.93 12.84
CA LEU B 178 -16.92 12.80 11.84
C LEU B 178 -17.89 13.17 10.72
N SER B 179 -18.73 12.24 10.30
CA SER B 179 -19.73 12.55 9.30
C SER B 179 -20.72 13.61 9.79
N LYS B 180 -21.09 13.54 11.07
CA LYS B 180 -21.97 14.58 11.62
C LYS B 180 -21.28 15.94 11.63
N LEU B 181 -19.98 15.98 11.98
CA LEU B 181 -19.28 17.25 12.02
C LEU B 181 -19.24 17.91 10.66
N ILE B 182 -18.90 17.16 9.61
CA ILE B 182 -18.80 17.87 8.35
C ILE B 182 -20.18 18.15 7.76
N HIS B 183 -21.20 17.41 8.18
CA HIS B 183 -22.56 17.76 7.78
C HIS B 183 -22.96 19.12 8.35
N ASP B 184 -22.43 19.49 9.51
CA ASP B 184 -22.84 20.76 10.12
C ASP B 184 -22.28 21.98 9.39
N PHE B 185 -21.21 21.82 8.61
CA PHE B 185 -20.77 22.89 7.71
C PHE B 185 -21.76 22.98 6.54
N SER B 186 -21.94 24.18 6.00
CA SER B 186 -22.86 24.26 4.87
C SER B 186 -22.74 25.60 4.14
N PHE B 187 -23.25 25.59 2.90
CA PHE B 187 -23.52 26.78 2.10
C PHE B 187 -24.97 26.70 1.67
N GLY B 188 -25.68 27.82 1.77
CA GLY B 188 -27.01 27.92 1.21
C GLY B 188 -27.92 26.79 1.65
N GLU B 189 -28.85 26.45 0.77
CA GLU B 189 -29.83 25.41 1.05
C GLU B 189 -29.28 24.01 0.79
N HIS B 190 -28.28 23.89 -0.09
CA HIS B 190 -27.89 22.56 -0.57
C HIS B 190 -26.39 22.45 -0.81
N GLY B 191 -25.57 23.33 -0.22
CA GLY B 191 -24.14 23.17 -0.31
C GLY B 191 -23.67 22.07 0.62
N LYS B 192 -22.82 21.20 0.12
CA LYS B 192 -22.20 20.19 0.95
C LYS B 192 -20.69 20.27 0.79
N VAL B 193 -19.98 19.85 1.83
CA VAL B 193 -18.52 19.73 1.83
C VAL B 193 -18.19 18.26 2.03
N PHE B 194 -17.04 17.85 1.48
CA PHE B 194 -16.54 16.50 1.70
C PHE B 194 -15.06 16.60 1.96
N LEU B 195 -14.52 15.61 2.68
CA LEU B 195 -13.08 15.41 2.77
C LEU B 195 -12.69 14.21 1.89
N VAL B 196 -11.65 14.37 1.09
CA VAL B 196 -11.28 13.37 0.10
C VAL B 196 -9.77 13.21 0.11
N ARG B 197 -9.32 11.96 0.25
CA ARG B 197 -7.90 11.67 0.09
C ARG B 197 -7.48 12.02 -1.32
N ASN B 198 -6.26 12.54 -1.44
CA ASN B 198 -5.79 13.09 -2.71
C ASN B 198 -5.71 12.07 -3.84
N ASP B 199 -6.19 10.85 -3.60
CA ASP B 199 -6.38 9.86 -4.65
C ASP B 199 -7.83 9.77 -5.14
N GLY B 200 -8.75 10.55 -4.58
CA GLY B 200 -10.12 10.60 -5.04
C GLY B 200 -11.15 9.94 -4.14
N LEU B 201 -10.72 9.15 -3.15
CA LEU B 201 -11.66 8.41 -2.31
C LEU B 201 -12.21 9.34 -1.23
N ILE B 202 -13.53 9.44 -1.14
CA ILE B 202 -14.12 10.29 -0.10
C ILE B 202 -13.83 9.68 1.26
N GLN B 203 -13.21 10.46 2.14
CA GLN B 203 -12.85 9.98 3.47
C GLN B 203 -13.93 10.28 4.50
N VAL B 204 -14.37 11.54 4.59
CA VAL B 204 -15.52 11.92 5.42
C VAL B 204 -16.57 12.52 4.51
N HIS B 205 -17.77 11.94 4.54
CA HIS B 205 -18.91 12.35 3.73
C HIS B 205 -20.05 12.74 4.67
N PRO B 206 -20.88 13.73 4.32
CA PRO B 206 -22.00 14.10 5.21
C PRO B 206 -22.95 12.94 5.47
N ASP B 207 -23.14 12.09 4.47
CA ASP B 207 -23.81 10.80 4.63
C ASP B 207 -22.74 9.80 5.04
N ALA B 208 -22.81 9.31 6.27
CA ALA B 208 -21.75 8.42 6.78
C ALA B 208 -21.61 7.16 5.94
N ALA B 209 -22.71 6.67 5.35
CA ALA B 209 -22.68 5.44 4.55
C ALA B 209 -21.57 5.46 3.50
N PHE B 210 -21.25 6.64 2.98
CA PHE B 210 -20.31 6.78 1.88
C PHE B 210 -18.91 7.13 2.34
N SER B 211 -18.72 7.48 3.62
CA SER B 211 -17.40 7.80 4.14
C SER B 211 -16.46 6.61 3.95
N GLY B 212 -15.31 6.86 3.33
CA GLY B 212 -14.35 5.83 3.04
C GLY B 212 -14.68 4.92 1.89
N LYS B 213 -15.84 5.07 1.24
CA LYS B 213 -16.30 4.11 0.25
C LYS B 213 -16.64 4.70 -1.11
N ARG B 214 -17.01 5.98 -1.18
CA ARG B 214 -17.39 6.58 -2.44
C ARG B 214 -16.19 7.30 -3.07
N GLN B 215 -16.02 7.11 -4.38
CA GLN B 215 -15.05 7.87 -5.17
C GLN B 215 -15.61 9.25 -5.50
N LEU B 216 -14.73 10.26 -5.51
CA LEU B 216 -15.19 11.61 -5.86
C LEU B 216 -15.88 11.65 -7.22
N ALA B 217 -15.37 10.87 -8.18
CA ALA B 217 -16.00 10.83 -9.50
C ALA B 217 -17.45 10.37 -9.42
N GLU B 218 -17.76 9.47 -8.49
CA GLU B 218 -19.15 9.06 -8.30
C GLU B 218 -20.03 10.21 -7.82
N GLN B 219 -19.44 11.15 -7.08
CA GLN B 219 -20.19 12.27 -6.52
C GLN B 219 -20.36 13.39 -7.54
N LEU B 220 -19.29 13.73 -8.25
CA LEU B 220 -19.25 14.81 -9.22
C LEU B 220 -19.17 14.22 -10.62
N GLY B 221 -18.83 15.04 -11.58
CA GLY B 221 -18.34 14.49 -12.83
C GLY B 221 -17.01 13.83 -12.62
N ALA B 222 -16.60 13.01 -13.58
CA ALA B 222 -15.19 12.65 -13.64
C ALA B 222 -14.36 13.89 -13.92
N ASP B 223 -14.80 14.71 -14.88
CA ASP B 223 -14.12 15.95 -15.20
C ASP B 223 -14.08 16.88 -13.99
N ALA B 224 -15.20 17.03 -13.30
CA ALA B 224 -15.27 17.93 -12.16
C ALA B 224 -14.43 17.42 -11.00
N ALA B 225 -14.47 16.10 -10.76
CA ALA B 225 -13.59 15.52 -9.76
C ALA B 225 -12.13 15.82 -10.09
N LYS B 226 -11.75 15.56 -11.35
CA LYS B 226 -10.42 15.93 -11.82
C LYS B 226 -10.17 17.43 -11.66
N GLY B 227 -11.21 18.24 -11.93
CA GLY B 227 -11.02 19.68 -11.90
C GLY B 227 -10.64 20.22 -10.54
N VAL B 228 -11.22 19.65 -9.47
CA VAL B 228 -10.97 20.18 -8.13
C VAL B 228 -9.80 19.51 -7.41
N MET B 229 -9.42 18.29 -7.81
CA MET B 229 -8.23 17.66 -7.28
C MET B 229 -6.96 18.07 -8.02
N THR B 230 -7.07 18.76 -9.14
CA THR B 230 -5.92 19.20 -9.92
C THR B 230 -5.64 20.67 -9.63
N GLY B 231 -4.44 20.96 -9.14
CA GLY B 231 -4.04 22.33 -8.88
C GLY B 231 -3.00 22.37 -7.79
N GLY B 232 -2.69 23.59 -7.37
CA GLY B 232 -1.76 23.80 -6.29
C GLY B 232 -2.49 24.01 -4.98
N GLU B 233 -2.08 25.02 -4.23
CA GLU B 233 -2.66 25.32 -2.93
C GLU B 233 -3.68 26.44 -3.00
N SER B 234 -3.99 26.92 -4.20
CA SER B 234 -5.06 27.88 -4.43
C SER B 234 -6.39 27.15 -4.60
N LEU B 235 -7.48 27.92 -4.47
CA LEU B 235 -8.82 27.39 -4.71
C LEU B 235 -8.95 26.84 -6.12
N ARG B 236 -9.39 25.59 -6.24
CA ARG B 236 -9.73 25.02 -7.53
C ARG B 236 -11.24 25.08 -7.72
N SER B 237 -11.69 25.09 -8.98
CA SER B 237 -13.11 25.14 -9.28
CA SER B 237 -13.10 25.17 -9.29
C SER B 237 -13.39 24.49 -10.62
N SER B 238 -14.62 24.01 -10.77
CA SER B 238 -15.12 23.46 -12.03
C SER B 238 -16.63 23.31 -11.94
N ARG B 239 -17.30 23.54 -13.06
CA ARG B 239 -18.75 23.38 -13.14
C ARG B 239 -19.07 21.93 -13.55
N PHE B 240 -20.19 21.42 -13.05
CA PHE B 240 -20.71 20.14 -13.50
C PHE B 240 -22.22 20.18 -13.45
N SER B 241 -22.84 19.39 -14.30
CA SER B 241 -24.28 19.33 -14.39
C SER B 241 -24.83 18.09 -13.71
N ARG B 242 -25.96 18.25 -13.03
N ARG B 242 -25.97 18.24 -13.04
CA ARG B 242 -26.74 17.16 -12.44
CA ARG B 242 -26.70 17.10 -12.50
C ARG B 242 -28.18 17.40 -12.86
C ARG B 242 -28.16 17.34 -12.81
N ASP B 243 -28.75 16.47 -13.62
CA ASP B 243 -30.14 16.57 -14.09
C ASP B 243 -30.37 17.84 -14.92
N GLY B 244 -29.31 18.34 -15.57
CA GLY B 244 -29.37 19.63 -16.21
C GLY B 244 -29.23 20.83 -15.29
N GLU B 245 -29.17 20.62 -13.98
CA GLU B 245 -29.01 21.71 -13.03
C GLU B 245 -27.53 22.01 -12.85
N ARG B 246 -27.13 23.25 -13.13
CA ARG B 246 -25.73 23.62 -13.07
C ARG B 246 -25.25 23.67 -11.62
N TYR B 247 -24.13 23.00 -11.34
CA TYR B 247 -23.53 22.97 -10.03
C TYR B 247 -22.14 23.55 -10.11
N LEU B 248 -21.63 24.00 -8.97
CA LEU B 248 -20.25 24.44 -8.84
C LEU B 248 -19.55 23.54 -7.84
N ALA B 249 -18.36 23.10 -8.19
CA ALA B 249 -17.53 22.29 -7.30
C ALA B 249 -16.28 23.09 -6.99
N LEU B 250 -15.86 23.03 -5.73
CA LEU B 250 -14.71 23.78 -5.27
C LEU B 250 -13.78 22.80 -4.58
N GLY B 251 -12.49 23.13 -4.58
CA GLY B 251 -11.51 22.27 -3.94
C GLY B 251 -10.43 23.11 -3.29
N LEU B 252 -9.95 22.64 -2.16
CA LEU B 252 -8.93 23.33 -1.39
C LEU B 252 -8.13 22.33 -0.56
N PRO B 253 -6.81 22.25 -0.78
CA PRO B 253 -6.02 21.28 -0.02
C PRO B 253 -5.97 21.62 1.47
N LEU B 254 -6.00 20.58 2.29
CA LEU B 254 -5.52 20.68 3.66
C LEU B 254 -4.00 20.75 3.64
N ARG B 255 -3.42 21.41 4.66
CA ARG B 255 -1.98 21.68 4.67
C ARG B 255 -1.16 20.60 5.37
N ASP B 256 -1.80 19.76 6.19
CA ASP B 256 -1.14 18.76 7.01
C ASP B 256 -1.46 17.35 6.53
N LEU B 257 -2.74 16.99 6.55
CA LEU B 257 -3.19 15.74 5.97
C LEU B 257 -3.08 15.83 4.45
N ASN B 258 -2.79 14.69 3.82
CA ASN B 258 -2.82 14.60 2.35
C ASN B 258 -4.26 14.42 1.85
N TRP B 259 -5.11 15.36 2.26
CA TRP B 259 -6.53 15.37 1.95
C TRP B 259 -6.90 16.70 1.34
N THR B 260 -8.08 16.74 0.69
CA THR B 260 -8.57 17.93 0.00
C THR B 260 -10.00 18.22 0.46
N LEU B 261 -10.26 19.48 0.83
CA LEU B 261 -11.63 19.90 1.10
C LEU B 261 -12.33 20.21 -0.22
N VAL B 262 -13.40 19.50 -0.50
CA VAL B 262 -14.21 19.71 -1.69
CA VAL B 262 -14.21 19.71 -1.69
C VAL B 262 -15.60 20.14 -1.26
N ALA B 263 -16.15 21.13 -1.96
CA ALA B 263 -17.50 21.61 -1.70
C ALA B 263 -18.27 21.59 -3.01
N GLU B 264 -19.58 21.36 -2.93
CA GLU B 264 -20.40 21.44 -4.12
C GLU B 264 -21.65 22.23 -3.77
N VAL B 265 -22.11 23.05 -4.70
CA VAL B 265 -23.26 23.94 -4.48
C VAL B 265 -24.01 24.12 -5.79
N PRO B 266 -25.35 24.15 -5.76
CA PRO B 266 -26.08 24.52 -6.97
C PRO B 266 -25.71 25.92 -7.41
N GLU B 267 -25.58 26.13 -8.71
CA GLU B 267 -25.16 27.43 -9.21
C GLU B 267 -26.21 28.48 -8.89
N SER B 268 -27.46 28.06 -8.73
CA SER B 268 -28.59 28.92 -8.45
C SER B 268 -28.58 29.48 -7.03
N GLU B 269 -27.70 29.00 -6.16
CA GLU B 269 -27.56 29.53 -4.82
C GLU B 269 -26.39 30.50 -4.70
N ILE B 270 -25.84 30.95 -5.83
CA ILE B 270 -24.68 31.82 -5.90
C ILE B 270 -25.07 33.10 -6.63
N TYR B 271 -24.89 34.23 -5.96
CA TYR B 271 -25.08 35.54 -6.59
C TYR B 271 -23.74 36.00 -7.16
N ALA B 272 -23.61 35.93 -8.48
CA ALA B 272 -22.32 36.16 -9.11
C ALA B 272 -22.17 37.65 -9.36
N GLN B 273 -21.12 38.25 -8.81
CA GLN B 273 -20.74 39.62 -9.15
C GLN B 273 -19.58 39.71 -10.14
N MET B 274 -18.62 38.78 -10.07
CA MET B 274 -17.39 38.91 -10.84
C MET B 274 -17.57 38.43 -12.27
N HIS B 275 -17.02 39.20 -13.21
CA HIS B 275 -16.92 38.82 -14.61
C HIS B 275 -15.95 37.64 -14.78
N GLN B 276 -16.09 36.97 -15.92
CA GLN B 276 -15.26 35.82 -16.30
C GLN B 276 -15.47 34.67 -15.31
N1 URC C . 14.04 -14.05 -0.34
C2 URC C . 14.11 -12.72 -0.02
C6 URC C . 15.17 -14.79 -0.31
N3 URC C . 15.32 -12.15 0.32
O11 URC C . 13.13 -12.05 -0.01
C4 URC C . 16.44 -12.89 0.33
C5 URC C . 16.41 -14.20 0.01
N9 URC C . 17.70 -12.58 0.63
O13 URC C . 15.13 -15.96 -0.59
N7 URC C . 17.70 -14.69 0.11
C8 URC C . 18.48 -13.66 0.49
O24 URC C . 19.67 -13.69 0.67
N1 URC D . -5.16 1.68 13.13
C2 URC D . -5.73 1.05 12.05
C6 URC D . -5.42 1.24 14.37
N3 URC D . -6.60 0.03 12.23
O11 URC D . -5.48 1.43 10.95
C4 URC D . -6.91 -0.39 13.47
C5 URC D . -6.34 0.20 14.56
N9 URC D . -7.73 -1.35 13.90
O13 URC D . -4.88 1.77 15.31
N7 URC D . -6.81 -0.42 15.66
C8 URC D . -7.67 -1.38 15.24
O24 URC D . -8.30 -2.14 15.93
#